data_5W78
#
_entry.id   5W78
#
_cell.length_a   50.402
_cell.length_b   87.356
_cell.length_c   146.510
_cell.angle_alpha   90.00
_cell.angle_beta   90.00
_cell.angle_gamma   90.00
#
_symmetry.space_group_name_H-M   'P 21 21 21'
#
loop_
_entity.id
_entity.type
_entity.pdbx_description
1 polymer 'Acyloxyacyl hydrolase'
2 polymer 'Acyloxyacyl hydrolase'
3 branched 2-acetamido-2-deoxy-beta-D-glucopyranose-(1-4)-2-acetamido-2-deoxy-beta-D-glucopyranose
4 non-polymer 'MYRISTIC ACID'
5 non-polymer 'CALCIUM ION'
6 non-polymer 'PALMITIC ACID'
7 non-polymer 'LAURIC ACID'
8 water water
#
loop_
_entity_poly.entity_id
_entity_poly.type
_entity_poly.pdbx_seq_one_letter_code
_entity_poly.pdbx_strand_id
1 'polypeptide(L)'
;DRHHHHHHKLSPANDDQSRPSLSNGHTCVGCVLVVSVIEQLAQVHNSTVQASMERLCSYLPEKLFLKTTCYLVIDKFGSD
IIKLLSADMNADVVCHTLEFCKQNTGQPLCHLYPLPKETWKFTLQKARQIVKKSPILKY
;
A
2 'polypeptide(L)'
;SRSGSDICSLPVLAKICQKIKLAMEQSVPFKDVDSDKYSVFPTLRGYHWRGRDCNDSDESVYPGRRPNNWDVHQDSNCNG
IWGVDPKDGVPYEKKFCEGSQPRGIILLGDSAGAHFHISPEWITASQMSLNSFINLPTALTNELDWPQLSGATGFLDSTV
GIKEKSIYLRLWKRNHCNHRDYQNISRNGASSRNLKKFIESLSRNKVLDYPAIVIYAMIGNDVCSGKSDPVPAMTTPEKL
YSNVMQTLKHLNSHLPNGSHVILYGLPDGTFLWDNLHNRYHPLGQLNKDMTYAQLYSFLNCLQVSPCHGWMSSNKTLRTL
TSERAEQLSNTLKKIAASEKFTNFNLFYMDFAFHEIIQEWQKRGGQPWQLIEPVDGFHPNEVALLLLADHFWKKVQLQWP
QILGKENPFNPQIKQVFGDQGGH
;
B
#
# COMPACT_ATOMS: atom_id res chain seq x y z
N LEU A 22 -12.98 22.84 6.33
CA LEU A 22 -11.85 23.67 5.91
C LEU A 22 -11.17 23.05 4.68
N SER A 23 -10.62 23.91 3.83
CA SER A 23 -9.99 23.47 2.58
C SER A 23 -8.48 23.43 2.72
N ASN A 24 -7.87 22.39 2.15
CA ASN A 24 -6.44 22.18 2.21
C ASN A 24 -5.98 21.53 0.91
N GLY A 25 -4.75 21.02 0.91
CA GLY A 25 -4.23 20.38 -0.28
C GLY A 25 -4.97 19.11 -0.65
N HIS A 26 -5.46 18.37 0.36
CA HIS A 26 -6.13 17.10 0.10
C HIS A 26 -7.54 17.31 -0.44
N THR A 27 -8.29 18.27 0.11
CA THR A 27 -9.61 18.54 -0.43
C THR A 27 -9.51 18.99 -1.88
N CYS A 28 -8.45 19.73 -2.23
CA CYS A 28 -8.26 20.17 -3.60
C CYS A 28 -8.02 18.98 -4.53
N VAL A 29 -7.16 18.05 -4.14
CA VAL A 29 -6.94 16.85 -4.95
C VAL A 29 -8.25 16.10 -5.14
N GLY A 30 -9.03 15.98 -4.07
CA GLY A 30 -10.26 15.22 -4.13
C GLY A 30 -11.33 15.84 -5.02
N CYS A 31 -11.47 17.16 -4.94
CA CYS A 31 -12.44 17.83 -5.80
C CYS A 31 -12.06 17.69 -7.26
N VAL A 32 -10.78 17.91 -7.58
CA VAL A 32 -10.33 17.79 -8.97
C VAL A 32 -10.56 16.38 -9.48
N LEU A 33 -10.31 15.38 -8.63
CA LEU A 33 -10.54 13.99 -9.03
C LEU A 33 -12.01 13.73 -9.36
N VAL A 34 -12.91 14.08 -8.44
CA VAL A 34 -14.31 13.74 -8.63
C VAL A 34 -14.89 14.50 -9.82
N VAL A 35 -14.57 15.78 -9.93
CA VAL A 35 -15.10 16.59 -11.03
C VAL A 35 -14.57 16.07 -12.37
N SER A 36 -13.30 15.68 -12.41
CA SER A 36 -12.75 15.10 -13.63
C SER A 36 -13.53 13.86 -14.04
N VAL A 37 -13.81 12.98 -13.08
CA VAL A 37 -14.52 11.75 -13.41
C VAL A 37 -15.92 12.07 -13.89
N ILE A 38 -16.60 12.98 -13.20
CA ILE A 38 -17.92 13.39 -13.66
C ILE A 38 -17.85 13.92 -15.09
N GLU A 39 -16.86 14.76 -15.36
CA GLU A 39 -16.73 15.34 -16.70
C GLU A 39 -16.51 14.24 -17.74
N GLN A 40 -15.63 13.28 -17.44
CA GLN A 40 -15.31 12.29 -18.45
C GLN A 40 -16.40 11.24 -18.57
N LEU A 41 -17.18 11.01 -17.51
CA LEU A 41 -18.31 10.10 -17.62
C LEU A 41 -19.39 10.69 -18.52
N ALA A 42 -19.62 12.00 -18.44
CA ALA A 42 -20.56 12.62 -19.36
C ALA A 42 -20.07 12.51 -20.79
N GLN A 43 -18.77 12.74 -21.00
CA GLN A 43 -18.21 12.67 -22.34
C GLN A 43 -18.33 11.26 -22.93
N VAL A 44 -18.04 10.23 -22.13
CA VAL A 44 -18.03 8.86 -22.65
C VAL A 44 -19.44 8.42 -23.06
N HIS A 45 -20.43 8.76 -22.26
CA HIS A 45 -21.81 8.39 -22.57
C HIS A 45 -22.55 9.51 -23.28
N ASN A 46 -21.85 10.59 -23.64
CA ASN A 46 -22.45 11.72 -24.34
C ASN A 46 -23.76 12.13 -23.68
N SER A 47 -23.66 12.46 -22.39
CA SER A 47 -24.82 12.78 -21.59
C SER A 47 -24.61 14.11 -20.88
N THR A 48 -25.68 14.57 -20.25
CA THR A 48 -25.62 15.75 -19.40
C THR A 48 -24.74 15.47 -18.17
N VAL A 49 -24.26 16.53 -17.55
CA VAL A 49 -23.52 16.39 -16.29
C VAL A 49 -24.43 15.78 -15.23
N GLN A 50 -25.68 16.25 -15.16
CA GLN A 50 -26.62 15.71 -14.18
C GLN A 50 -26.76 14.20 -14.32
N ALA A 51 -26.97 13.71 -15.53
CA ALA A 51 -27.09 12.27 -15.74
C ALA A 51 -25.77 11.57 -15.46
N SER A 52 -24.66 12.27 -15.62
CA SER A 52 -23.36 11.69 -15.30
C SER A 52 -23.20 11.48 -13.80
N MET A 53 -23.57 12.48 -12.99
CA MET A 53 -23.50 12.33 -11.55
C MET A 53 -24.43 11.24 -11.04
N GLU A 54 -25.65 11.18 -11.59
CA GLU A 54 -26.59 10.15 -11.16
C GLU A 54 -26.08 8.76 -11.54
N ARG A 55 -25.45 8.63 -12.69
CA ARG A 55 -24.89 7.35 -13.10
C ARG A 55 -23.75 6.95 -12.18
N LEU A 56 -22.89 7.90 -11.83
CA LEU A 56 -21.79 7.59 -10.93
C LEU A 56 -22.28 7.14 -9.57
N CYS A 57 -23.29 7.83 -9.01
CA CYS A 57 -23.83 7.43 -7.71
C CYS A 57 -24.50 6.06 -7.77
N SER A 58 -25.12 5.70 -8.90
CA SER A 58 -25.73 4.39 -9.02
C SER A 58 -24.70 3.27 -9.10
N TYR A 59 -23.47 3.58 -9.52
CA TYR A 59 -22.40 2.58 -9.55
C TYR A 59 -21.86 2.26 -8.15
N LEU A 60 -22.04 3.13 -7.18
CA LEU A 60 -21.37 2.95 -5.90
C LEU A 60 -22.17 2.00 -5.01
N PRO A 61 -21.50 1.17 -4.20
CA PRO A 61 -22.23 0.34 -3.24
C PRO A 61 -22.92 1.17 -2.17
N GLU A 62 -23.95 0.58 -1.58
CA GLU A 62 -24.57 1.20 -0.41
C GLU A 62 -23.71 1.04 0.85
N LYS A 63 -22.78 0.10 0.85
CA LYS A 63 -21.91 -0.12 2.01
C LYS A 63 -21.14 1.15 2.37
N LEU A 64 -20.90 1.32 3.67
CA LEU A 64 -20.10 2.43 4.20
C LEU A 64 -20.67 3.79 3.82
N PHE A 65 -21.94 3.85 3.42
CA PHE A 65 -22.59 5.11 3.05
C PHE A 65 -21.97 5.77 1.82
N LEU A 66 -21.34 4.98 0.94
CA LEU A 66 -20.74 5.55 -0.25
C LEU A 66 -21.79 6.14 -1.17
N LYS A 67 -22.81 5.34 -1.52
CA LYS A 67 -23.86 5.81 -2.42
C LYS A 67 -24.63 6.97 -1.79
N THR A 68 -24.92 6.87 -0.50
CA THR A 68 -25.57 7.97 0.20
C THR A 68 -24.73 9.24 0.13
N THR A 69 -23.45 9.15 0.48
CA THR A 69 -22.57 10.31 0.42
C THR A 69 -22.53 10.90 -0.99
N CYS A 70 -22.49 10.04 -1.99
CA CYS A 70 -22.51 10.51 -3.36
C CYS A 70 -23.71 11.41 -3.61
N TYR A 71 -24.86 11.04 -3.04
CA TYR A 71 -26.07 11.85 -3.23
C TYR A 71 -26.10 13.08 -2.34
N LEU A 72 -25.40 13.08 -1.21
CA LEU A 72 -25.26 14.30 -0.44
C LEU A 72 -24.42 15.32 -1.21
N VAL A 73 -23.45 14.85 -1.99
CA VAL A 73 -22.58 15.76 -2.73
C VAL A 73 -23.33 16.38 -3.91
N ILE A 74 -24.10 15.59 -4.65
CA ILE A 74 -24.94 16.16 -5.69
C ILE A 74 -25.87 17.23 -5.11
N ASP A 75 -26.45 16.96 -3.94
CA ASP A 75 -27.37 17.91 -3.34
C ASP A 75 -26.66 19.23 -3.03
N LYS A 76 -25.50 19.14 -2.41
CA LYS A 76 -24.82 20.34 -1.93
C LYS A 76 -24.09 21.09 -3.04
N PHE A 77 -23.50 20.36 -4.00
CA PHE A 77 -22.63 20.97 -5.01
C PHE A 77 -23.07 20.73 -6.44
N GLY A 78 -24.12 19.94 -6.66
CA GLY A 78 -24.42 19.48 -8.01
C GLY A 78 -24.80 20.59 -8.96
N SER A 79 -25.67 21.50 -8.52
CA SER A 79 -26.16 22.52 -9.45
C SER A 79 -25.01 23.39 -9.96
N ASP A 80 -24.06 23.72 -9.08
CA ASP A 80 -22.95 24.57 -9.50
C ASP A 80 -21.93 23.82 -10.36
N ILE A 81 -21.71 22.53 -10.10
CA ILE A 81 -20.87 21.74 -11.00
C ILE A 81 -21.51 21.70 -12.39
N ILE A 82 -22.84 21.59 -12.45
CA ILE A 82 -23.51 21.61 -13.75
C ILE A 82 -23.32 22.96 -14.42
N LYS A 83 -23.60 24.04 -13.69
CA LYS A 83 -23.47 25.37 -14.27
C LYS A 83 -22.08 25.62 -14.83
N LEU A 84 -21.04 25.19 -14.10
CA LEU A 84 -19.68 25.50 -14.50
C LEU A 84 -19.19 24.59 -15.62
N LEU A 85 -19.39 23.28 -15.49
CA LEU A 85 -18.96 22.38 -16.55
C LEU A 85 -19.69 22.69 -17.85
N SER A 86 -20.98 23.04 -17.77
CA SER A 86 -21.77 23.40 -18.94
C SER A 86 -21.25 24.64 -19.64
N ALA A 87 -20.56 25.52 -18.93
CA ALA A 87 -19.85 26.65 -19.54
C ALA A 87 -18.47 26.27 -20.04
N ASP A 88 -18.16 24.98 -20.11
CA ASP A 88 -16.87 24.48 -20.61
C ASP A 88 -15.71 24.99 -19.74
N MET A 89 -15.92 25.00 -18.43
CA MET A 89 -14.84 25.22 -17.47
C MET A 89 -14.25 23.86 -17.10
N ASN A 90 -12.93 23.82 -16.88
CA ASN A 90 -12.30 22.56 -16.52
C ASN A 90 -12.35 22.35 -15.01
N ALA A 91 -11.90 21.17 -14.58
CA ALA A 91 -12.00 20.80 -13.18
C ALA A 91 -11.21 21.74 -12.27
N ASP A 92 -10.11 22.30 -12.76
CA ASP A 92 -9.35 23.29 -11.99
C ASP A 92 -10.22 24.51 -11.68
N VAL A 93 -10.87 25.04 -12.71
CA VAL A 93 -11.72 26.22 -12.52
C VAL A 93 -12.80 25.92 -11.49
N VAL A 94 -13.46 24.77 -11.64
CA VAL A 94 -14.57 24.42 -10.76
C VAL A 94 -14.11 24.41 -9.31
N CYS A 95 -13.01 23.72 -9.03
CA CYS A 95 -12.59 23.52 -7.64
C CYS A 95 -12.08 24.81 -7.03
N HIS A 96 -11.54 25.72 -7.84
CA HIS A 96 -11.19 27.05 -7.32
C HIS A 96 -12.44 27.88 -7.05
N THR A 97 -13.44 27.79 -7.93
CA THR A 97 -14.67 28.53 -7.72
C THR A 97 -15.41 28.05 -6.47
N LEU A 98 -15.36 26.76 -6.17
CA LEU A 98 -16.06 26.24 -5.00
C LEU A 98 -15.20 26.24 -3.75
N GLU A 99 -13.96 26.70 -3.83
CA GLU A 99 -13.09 26.94 -2.69
C GLU A 99 -12.54 25.67 -2.06
N PHE A 100 -12.63 24.53 -2.75
CA PHE A 100 -11.84 23.38 -2.35
C PHE A 100 -10.36 23.63 -2.57
N CYS A 101 -10.02 24.42 -3.59
CA CYS A 101 -8.66 24.89 -3.85
C CYS A 101 -8.65 26.39 -3.60
N LYS A 102 -7.75 26.83 -2.72
CA LYS A 102 -7.63 28.24 -2.37
C LYS A 102 -6.20 28.68 -2.60
N GLN A 103 -6.01 29.69 -3.45
CA GLN A 103 -4.70 30.24 -3.74
C GLN A 103 -4.44 31.43 -2.84
N ASN A 104 -3.60 31.25 -1.82
CA ASN A 104 -3.20 32.37 -0.97
C ASN A 104 -2.60 33.48 -1.83
N THR A 105 -2.87 34.72 -1.44
CA THR A 105 -2.24 35.86 -2.11
C THR A 105 -0.73 35.75 -1.98
N GLY A 106 -0.03 35.89 -3.12
CA GLY A 106 1.40 35.72 -3.14
C GLY A 106 1.82 34.35 -3.65
N GLN A 107 1.26 33.29 -3.06
CA GLN A 107 1.62 31.93 -3.45
C GLN A 107 1.26 31.66 -4.91
N PRO A 108 1.87 30.64 -5.52
CA PRO A 108 1.61 30.35 -6.93
C PRO A 108 0.29 29.61 -7.11
N LEU A 109 -0.08 29.44 -8.37
CA LEU A 109 -1.35 28.81 -8.72
C LEU A 109 -1.16 27.32 -8.98
N CYS A 110 -1.97 26.50 -8.32
CA CYS A 110 -1.95 25.07 -8.48
C CYS A 110 -3.06 24.66 -9.45
N HIS A 111 -2.69 23.97 -10.52
CA HIS A 111 -3.62 23.54 -11.54
C HIS A 111 -3.11 22.23 -12.09
N LEU A 112 -4.02 21.29 -12.30
CA LEU A 112 -3.65 19.98 -12.81
C LEU A 112 -3.67 19.94 -14.33
N TYR A 113 -4.64 20.59 -14.94
CA TYR A 113 -4.77 20.65 -16.38
C TYR A 113 -4.18 21.94 -16.90
N PRO A 114 -3.80 21.98 -18.18
CA PRO A 114 -3.16 23.18 -18.72
C PRO A 114 -4.08 24.39 -18.58
N LEU A 115 -3.47 25.55 -18.38
CA LEU A 115 -4.25 26.76 -18.17
C LEU A 115 -5.06 27.06 -19.43
N PRO A 116 -6.33 27.43 -19.30
CA PRO A 116 -7.20 27.54 -20.48
C PRO A 116 -6.72 28.61 -21.45
N LYS A 117 -7.32 28.58 -22.65
CA LYS A 117 -6.97 29.53 -23.70
C LYS A 117 -7.05 30.96 -23.18
N GLU A 118 -8.21 31.34 -22.65
CA GLU A 118 -8.36 32.63 -21.99
C GLU A 118 -7.52 32.65 -20.71
N THR A 119 -7.16 33.85 -20.26
CA THR A 119 -6.33 33.97 -19.07
C THR A 119 -7.07 33.45 -17.84
N TRP A 120 -6.30 32.98 -16.86
CA TRP A 120 -6.90 32.37 -15.67
C TRP A 120 -7.70 33.40 -14.87
N LYS A 121 -7.13 34.57 -14.63
CA LYS A 121 -7.80 35.59 -13.83
C LYS A 121 -9.18 35.93 -14.39
N PHE A 122 -9.29 36.05 -15.72
CA PHE A 122 -10.57 36.33 -16.34
C PHE A 122 -11.46 35.10 -16.39
N THR A 123 -10.87 33.91 -16.51
CA THR A 123 -11.66 32.68 -16.50
C THR A 123 -12.30 32.46 -15.13
N LEU A 124 -11.59 32.81 -14.07
CA LEU A 124 -12.10 32.61 -12.72
C LEU A 124 -13.15 33.66 -12.36
N GLN A 125 -13.02 34.89 -12.87
CA GLN A 125 -14.06 35.90 -12.65
C GLN A 125 -15.38 35.45 -13.29
N LYS A 126 -15.33 35.01 -14.55
CA LYS A 126 -16.51 34.41 -15.18
C LYS A 126 -17.12 33.34 -14.31
N ALA A 127 -16.29 32.41 -13.84
CA ALA A 127 -16.80 31.29 -13.07
C ALA A 127 -17.51 31.76 -11.82
N ARG A 128 -16.94 32.72 -11.09
CA ARG A 128 -17.59 33.22 -9.88
C ARG A 128 -18.93 33.86 -10.19
N GLN A 129 -19.05 34.52 -11.33
CA GLN A 129 -20.30 35.18 -11.68
C GLN A 129 -21.36 34.18 -12.12
N ILE A 130 -20.95 33.04 -12.67
CA ILE A 130 -21.91 32.03 -13.11
C ILE A 130 -22.61 31.38 -11.92
N VAL A 131 -21.93 31.26 -10.79
CA VAL A 131 -22.53 30.66 -9.61
C VAL A 131 -23.11 31.67 -8.64
N LYS A 132 -22.79 32.97 -8.81
CA LYS A 132 -23.44 34.00 -7.99
C LYS A 132 -24.92 34.13 -8.34
N LYS A 133 -25.28 33.88 -9.60
CA LYS A 133 -26.69 33.84 -9.97
C LYS A 133 -27.40 32.71 -9.25
N SER A 134 -28.59 33.00 -8.72
CA SER A 134 -29.38 32.04 -7.95
C SER A 134 -30.85 32.16 -8.35
N PRO A 135 -31.20 31.74 -9.57
CA PRO A 135 -32.60 31.80 -10.00
C PRO A 135 -33.51 30.78 -9.33
N ILE A 136 -32.97 29.91 -8.47
CA ILE A 136 -33.72 28.83 -7.86
C ILE A 136 -33.34 28.77 -6.39
N LEU A 137 -34.33 28.78 -5.51
CA LEU A 137 -34.12 28.62 -4.07
C LEU A 137 -34.50 27.22 -3.65
N LYS A 138 -33.71 26.66 -2.73
CA LYS A 138 -34.02 25.38 -2.09
C LYS A 138 -34.52 25.63 -0.67
N TYR A 139 -35.68 25.09 -0.34
CA TYR A 139 -36.15 25.08 1.05
C TYR A 139 -35.80 23.75 1.71
N ASP B 6 -6.47 17.04 6.07
CA ASP B 6 -7.24 15.80 6.16
C ASP B 6 -8.56 15.92 5.40
N ILE B 7 -8.93 14.85 4.71
CA ILE B 7 -10.13 14.89 3.87
C ILE B 7 -11.38 14.92 4.72
N CYS B 8 -11.37 14.25 5.88
CA CYS B 8 -12.56 14.12 6.73
C CYS B 8 -12.96 15.41 7.41
N SER B 9 -12.38 16.56 7.06
CA SER B 9 -12.87 17.83 7.57
C SER B 9 -14.17 18.27 6.87
N LEU B 10 -14.47 17.69 5.71
CA LEU B 10 -15.65 18.10 4.96
C LEU B 10 -16.92 17.58 5.63
N PRO B 11 -17.90 18.45 5.91
CA PRO B 11 -19.14 17.97 6.53
C PRO B 11 -19.83 16.86 5.75
N VAL B 12 -19.87 16.95 4.42
CA VAL B 12 -20.56 15.94 3.62
C VAL B 12 -19.96 14.56 3.80
N LEU B 13 -18.69 14.47 4.19
CA LEU B 13 -18.02 13.18 4.39
C LEU B 13 -18.12 12.68 5.83
N ALA B 14 -18.89 13.35 6.69
CA ALA B 14 -18.91 13.01 8.11
C ALA B 14 -19.40 11.59 8.35
N LYS B 15 -20.51 11.21 7.71
CA LYS B 15 -21.10 9.89 7.98
C LYS B 15 -20.20 8.77 7.50
N ILE B 16 -19.61 8.91 6.30
CA ILE B 16 -18.75 7.85 5.77
C ILE B 16 -17.44 7.79 6.55
N CYS B 17 -16.92 8.94 6.97
CA CYS B 17 -15.72 8.93 7.80
C CYS B 17 -15.97 8.23 9.12
N GLN B 18 -17.14 8.49 9.73
CA GLN B 18 -17.49 7.85 10.99
C GLN B 18 -17.69 6.35 10.81
N LYS B 19 -18.28 5.94 9.68
CA LYS B 19 -18.53 4.52 9.46
C LYS B 19 -17.25 3.77 9.10
N ILE B 20 -16.31 4.44 8.42
CA ILE B 20 -15.02 3.82 8.17
C ILE B 20 -14.30 3.59 9.49
N LYS B 21 -14.30 4.59 10.37
CA LYS B 21 -13.64 4.43 11.66
C LYS B 21 -14.23 3.25 12.42
N LEU B 22 -15.56 3.12 12.41
CA LEU B 22 -16.20 2.04 13.16
C LEU B 22 -15.78 0.68 12.60
N ALA B 23 -15.88 0.51 11.28
CA ALA B 23 -15.56 -0.79 10.69
C ALA B 23 -14.13 -1.20 11.02
N MET B 24 -13.22 -0.23 11.08
CA MET B 24 -11.84 -0.55 11.44
C MET B 24 -11.76 -1.06 12.86
N GLU B 25 -12.51 -0.43 13.78
CA GLU B 25 -12.48 -0.84 15.18
C GLU B 25 -13.03 -2.25 15.38
N GLN B 26 -13.96 -2.68 14.53
CA GLN B 26 -14.61 -3.97 14.67
C GLN B 26 -13.88 -5.09 13.94
N SER B 27 -12.62 -4.87 13.55
CA SER B 27 -11.87 -5.90 12.83
C SER B 27 -11.70 -7.16 13.67
N VAL B 28 -11.41 -7.00 14.96
CA VAL B 28 -11.19 -8.14 15.84
C VAL B 28 -12.51 -8.59 16.46
N PHE B 41 -4.28 0.66 15.92
CA PHE B 41 -4.09 0.07 14.58
C PHE B 41 -4.83 -1.26 14.50
N PRO B 42 -6.16 -1.21 14.51
CA PRO B 42 -6.93 -2.46 14.62
C PRO B 42 -6.91 -3.29 13.35
N THR B 43 -6.79 -2.66 12.17
CA THR B 43 -6.80 -3.43 10.92
C THR B 43 -5.67 -4.44 10.90
N LEU B 44 -4.56 -4.16 11.58
CA LEU B 44 -3.37 -5.02 11.52
C LEU B 44 -3.63 -6.42 12.05
N ARG B 45 -4.86 -6.71 12.50
CA ARG B 45 -5.18 -8.02 13.03
C ARG B 45 -6.09 -8.85 12.12
N GLY B 46 -6.72 -8.24 11.12
CA GLY B 46 -7.51 -9.03 10.18
C GLY B 46 -6.67 -10.01 9.39
N TYR B 47 -7.34 -11.00 8.82
CA TYR B 47 -6.61 -12.06 8.12
C TYR B 47 -5.91 -11.56 6.86
N HIS B 48 -6.22 -10.37 6.37
CA HIS B 48 -5.45 -9.83 5.24
C HIS B 48 -4.04 -9.49 5.65
N TRP B 49 -3.81 -9.20 6.93
CA TRP B 49 -2.53 -8.75 7.45
C TRP B 49 -1.78 -9.83 8.21
N ARG B 50 -2.48 -10.77 8.83
CA ARG B 50 -1.81 -11.81 9.59
C ARG B 50 -2.65 -13.07 9.56
N GLY B 51 -1.99 -14.20 9.79
CA GLY B 51 -2.66 -15.48 9.74
C GLY B 51 -3.89 -15.58 10.61
N ARG B 52 -4.96 -16.12 10.05
CA ARG B 52 -6.24 -16.17 10.75
C ARG B 52 -6.12 -17.04 11.99
N ASP B 53 -6.58 -16.50 13.10
CA ASP B 53 -6.59 -17.23 14.36
C ASP B 53 -7.72 -18.25 14.33
N CYS B 54 -7.36 -19.52 14.49
CA CYS B 54 -8.32 -20.60 14.35
C CYS B 54 -9.24 -20.75 15.56
N ASN B 55 -9.00 -20.01 16.63
CA ASN B 55 -9.84 -20.10 17.83
C ASN B 55 -9.71 -18.85 18.68
N ASP B 56 -10.48 -17.80 18.39
CA ASP B 56 -10.29 -16.52 19.06
C ASP B 56 -10.95 -16.44 20.43
N SER B 57 -11.41 -17.56 20.96
CA SER B 57 -11.88 -17.65 22.35
C SER B 57 -10.82 -18.24 23.28
N ASP B 58 -9.62 -18.52 22.77
CA ASP B 58 -8.54 -19.12 23.55
C ASP B 58 -7.25 -18.43 23.12
N GLU B 59 -6.65 -17.66 24.02
CA GLU B 59 -5.49 -16.85 23.63
C GLU B 59 -4.18 -17.62 23.62
N SER B 60 -4.20 -18.92 23.93
CA SER B 60 -3.03 -19.77 23.73
C SER B 60 -3.07 -20.50 22.39
N VAL B 61 -3.97 -20.09 21.48
CA VAL B 61 -4.08 -20.66 20.14
C VAL B 61 -3.87 -19.51 19.15
N TYR B 62 -2.80 -19.59 18.37
CA TYR B 62 -2.52 -18.56 17.38
C TYR B 62 -1.40 -19.07 16.47
N PRO B 63 -1.31 -18.54 15.24
CA PRO B 63 -0.27 -19.00 14.33
C PRO B 63 1.12 -18.62 14.82
N GLY B 64 2.06 -19.53 14.62
CA GLY B 64 3.45 -19.28 14.92
C GLY B 64 3.96 -19.88 16.21
N ARG B 65 3.08 -20.40 17.07
CA ARG B 65 3.57 -20.95 18.31
C ARG B 65 3.93 -22.42 18.15
N ARG B 66 4.86 -22.88 18.98
CA ARG B 66 5.18 -24.30 19.04
C ARG B 66 3.96 -25.07 19.52
N PRO B 67 3.68 -26.25 18.98
CA PRO B 67 2.43 -26.92 19.28
C PRO B 67 2.33 -27.31 20.75
N ASN B 68 1.16 -27.07 21.33
CA ASN B 68 0.89 -27.48 22.70
C ASN B 68 0.49 -28.95 22.72
N ASN B 69 1.31 -29.76 23.39
CA ASN B 69 1.13 -31.21 23.46
C ASN B 69 0.90 -31.80 22.08
N TRP B 70 1.69 -31.34 21.11
CA TRP B 70 1.71 -31.90 19.76
C TRP B 70 0.34 -31.92 19.09
N ASP B 71 -0.60 -31.10 19.57
CA ASP B 71 -1.88 -30.89 18.88
C ASP B 71 -2.63 -32.21 18.71
N VAL B 72 -2.59 -33.07 19.74
CA VAL B 72 -3.30 -34.34 19.65
C VAL B 72 -4.81 -34.15 19.69
N HIS B 73 -5.29 -33.05 20.27
CA HIS B 73 -6.72 -32.76 20.29
C HIS B 73 -7.07 -31.50 19.51
N GLN B 74 -6.38 -30.40 19.77
CA GLN B 74 -6.70 -29.11 19.17
C GLN B 74 -5.49 -28.56 18.40
N ASP B 75 -5.76 -27.88 17.28
CA ASP B 75 -4.72 -27.32 16.42
C ASP B 75 -4.25 -25.98 17.00
N SER B 76 -3.23 -26.04 17.88
CA SER B 76 -2.88 -24.87 18.68
C SER B 76 -2.09 -23.82 17.93
N ASN B 77 -1.47 -24.16 16.80
CA ASN B 77 -0.78 -23.16 15.98
C ASN B 77 -1.48 -22.89 14.64
N CYS B 78 -2.71 -23.37 14.45
CA CYS B 78 -3.56 -22.98 13.33
C CYS B 78 -2.97 -23.33 11.98
N ASN B 79 -2.06 -24.29 11.91
CA ASN B 79 -1.44 -24.65 10.65
C ASN B 79 -2.14 -25.82 9.98
N GLY B 80 -3.30 -26.23 10.49
CA GLY B 80 -4.08 -27.29 9.90
C GLY B 80 -3.54 -28.67 10.12
N ILE B 81 -2.51 -28.82 10.95
CA ILE B 81 -1.92 -30.12 11.27
C ILE B 81 -2.21 -30.40 12.74
N TRP B 82 -2.89 -31.51 12.98
CA TRP B 82 -3.37 -31.86 14.31
C TRP B 82 -3.73 -33.34 14.32
N GLY B 83 -3.96 -33.87 15.52
CA GLY B 83 -4.45 -35.22 15.64
C GLY B 83 -3.35 -36.27 15.69
N VAL B 84 -3.78 -37.52 15.55
CA VAL B 84 -2.92 -38.67 15.74
C VAL B 84 -3.12 -39.65 14.60
N ASP B 85 -2.03 -40.28 14.15
CA ASP B 85 -2.11 -41.32 13.15
C ASP B 85 -2.59 -42.62 13.80
N PRO B 86 -3.71 -43.21 13.35
CA PRO B 86 -4.18 -44.44 14.00
C PRO B 86 -3.27 -45.64 13.76
N LYS B 87 -2.43 -45.62 12.73
CA LYS B 87 -1.51 -46.73 12.47
C LYS B 87 -0.54 -46.94 13.63
N ASP B 88 0.17 -45.89 14.02
CA ASP B 88 1.24 -46.00 15.01
C ASP B 88 1.00 -45.15 16.26
N GLY B 89 -0.17 -44.52 16.38
CA GLY B 89 -0.46 -43.71 17.55
C GLY B 89 0.44 -42.50 17.73
N VAL B 90 1.13 -42.06 16.68
CA VAL B 90 2.02 -40.91 16.75
C VAL B 90 1.27 -39.64 16.36
N PRO B 91 1.49 -38.51 17.05
CA PRO B 91 0.85 -37.26 16.64
C PRO B 91 1.39 -36.76 15.30
N TYR B 92 0.46 -36.39 14.41
CA TYR B 92 0.87 -35.93 13.08
C TYR B 92 1.82 -34.75 13.18
N GLU B 93 1.56 -33.82 14.11
CA GLU B 93 2.43 -32.66 14.23
C GLU B 93 3.85 -33.10 14.58
N LYS B 94 3.97 -34.12 15.42
CA LYS B 94 5.29 -34.64 15.77
C LYS B 94 5.92 -35.39 14.61
N LYS B 95 5.14 -36.21 13.91
CA LYS B 95 5.68 -36.99 12.80
C LYS B 95 6.08 -36.08 11.63
N PHE B 96 5.26 -35.07 11.34
CA PHE B 96 5.40 -34.27 10.12
C PHE B 96 6.20 -32.98 10.30
N CYS B 97 6.20 -32.37 11.49
CA CYS B 97 6.77 -31.04 11.65
C CYS B 97 7.94 -30.97 12.63
N GLU B 98 8.06 -31.88 13.60
CA GLU B 98 9.21 -31.83 14.49
C GLU B 98 10.48 -32.17 13.71
N GLY B 99 11.49 -31.34 13.86
CA GLY B 99 12.71 -31.47 13.09
C GLY B 99 12.72 -30.63 11.81
N SER B 100 11.55 -30.33 11.25
CA SER B 100 11.51 -29.57 10.00
C SER B 100 11.91 -28.10 10.18
N GLN B 101 11.98 -27.61 11.41
CA GLN B 101 12.37 -26.23 11.73
C GLN B 101 11.39 -25.22 11.14
N PRO B 102 10.14 -25.20 11.56
CA PRO B 102 9.19 -24.21 11.03
C PRO B 102 9.63 -22.80 11.37
N ARG B 103 9.14 -21.84 10.59
CA ARG B 103 9.48 -20.45 10.83
C ARG B 103 8.43 -19.55 10.20
N GLY B 104 8.29 -18.36 10.75
CA GLY B 104 7.31 -17.41 10.29
C GLY B 104 7.96 -16.33 9.45
N ILE B 105 7.11 -15.58 8.75
CA ILE B 105 7.55 -14.44 7.96
C ILE B 105 6.90 -13.21 8.55
N ILE B 106 7.70 -12.18 8.77
CA ILE B 106 7.24 -10.92 9.36
C ILE B 106 7.84 -9.78 8.57
N LEU B 107 6.99 -8.87 8.10
CA LEU B 107 7.42 -7.70 7.36
C LEU B 107 7.17 -6.48 8.23
N LEU B 108 8.22 -5.69 8.46
CA LEU B 108 8.11 -4.35 9.02
C LEU B 108 8.26 -3.39 7.85
N GLY B 109 7.14 -2.86 7.37
CA GLY B 109 7.18 -2.11 6.13
C GLY B 109 6.36 -0.85 6.08
N ASP B 110 6.30 -0.25 4.90
CA ASP B 110 5.61 1.00 4.64
C ASP B 110 4.48 0.75 3.64
N SER B 111 4.11 1.76 2.85
CA SER B 111 2.99 1.60 1.93
C SER B 111 3.32 0.65 0.79
N ALA B 112 4.59 0.45 0.48
CA ALA B 112 4.94 -0.53 -0.54
C ALA B 112 4.84 -1.96 0.00
N GLY B 113 5.32 -2.20 1.23
CA GLY B 113 5.19 -3.50 1.83
C GLY B 113 3.74 -3.91 2.09
N ALA B 114 2.88 -2.94 2.40
CA ALA B 114 1.45 -3.18 2.56
C ALA B 114 0.72 -3.18 1.22
N HIS B 115 1.42 -2.89 0.12
CA HIS B 115 0.84 -2.88 -1.22
C HIS B 115 -0.32 -1.88 -1.32
N PHE B 116 0.01 -0.60 -1.11
CA PHE B 116 -0.94 0.46 -1.34
C PHE B 116 -1.32 0.52 -2.82
N HIS B 117 -2.62 0.61 -3.10
CA HIS B 117 -3.10 0.48 -4.47
C HIS B 117 -4.45 1.18 -4.60
N ILE B 118 -4.53 2.17 -5.48
CA ILE B 118 -5.81 2.72 -5.92
C ILE B 118 -6.09 2.15 -7.30
N SER B 119 -7.24 1.49 -7.45
CA SER B 119 -7.55 0.80 -8.69
C SER B 119 -7.81 1.83 -9.80
N PRO B 120 -7.20 1.69 -10.97
CA PRO B 120 -7.56 2.59 -12.08
C PRO B 120 -9.03 2.49 -12.46
N GLU B 121 -9.66 1.36 -12.17
CA GLU B 121 -11.06 1.16 -12.50
C GLU B 121 -11.98 2.11 -11.74
N TRP B 122 -11.54 2.65 -10.61
CA TRP B 122 -12.38 3.56 -9.84
C TRP B 122 -12.39 4.98 -10.39
N ILE B 123 -11.47 5.33 -11.30
CA ILE B 123 -11.30 6.72 -11.72
C ILE B 123 -11.20 6.88 -13.24
N THR B 124 -11.29 5.81 -14.02
CA THR B 124 -11.22 5.91 -15.48
C THR B 124 -12.60 5.68 -16.05
N ALA B 125 -13.24 6.75 -16.51
CA ALA B 125 -14.65 6.69 -16.88
C ALA B 125 -14.91 5.76 -18.06
N SER B 126 -13.93 5.60 -18.94
CA SER B 126 -14.19 4.91 -20.21
C SER B 126 -14.52 3.43 -20.02
N GLN B 127 -14.20 2.85 -18.86
CA GLN B 127 -14.50 1.45 -18.60
C GLN B 127 -15.21 1.27 -17.26
N MET B 128 -15.80 2.32 -16.72
CA MET B 128 -16.37 2.30 -15.38
C MET B 128 -17.77 1.71 -15.42
N SER B 129 -18.11 0.96 -14.37
CA SER B 129 -19.42 0.32 -14.26
C SER B 129 -19.65 -0.04 -12.79
N LEU B 130 -20.83 -0.59 -12.52
CA LEU B 130 -21.15 -1.04 -11.16
C LEU B 130 -20.16 -2.09 -10.68
N ASN B 131 -19.67 -2.95 -11.59
CA ASN B 131 -18.69 -3.96 -11.23
C ASN B 131 -17.39 -3.35 -10.71
N SER B 132 -17.10 -2.10 -11.06
CA SER B 132 -15.79 -1.51 -10.80
C SER B 132 -15.56 -1.20 -9.31
N PHE B 133 -16.63 -0.90 -8.56
CA PHE B 133 -16.50 -0.40 -7.20
C PHE B 133 -16.82 -1.46 -6.15
N ILE B 134 -17.00 -2.71 -6.55
CA ILE B 134 -17.38 -3.75 -5.60
C ILE B 134 -16.29 -3.96 -4.55
N ASN B 135 -15.03 -3.73 -4.90
CA ASN B 135 -13.91 -3.91 -3.98
C ASN B 135 -13.55 -2.63 -3.23
N LEU B 136 -14.34 -1.55 -3.38
CA LEU B 136 -13.95 -0.29 -2.78
C LEU B 136 -14.16 -0.27 -1.28
N PRO B 137 -15.30 -0.71 -0.74
CA PRO B 137 -15.48 -0.62 0.72
C PRO B 137 -14.42 -1.36 1.50
N THR B 138 -14.02 -2.55 1.05
CA THR B 138 -12.98 -3.29 1.75
C THR B 138 -11.65 -2.57 1.68
N ALA B 139 -11.31 -2.01 0.51
CA ALA B 139 -10.06 -1.27 0.38
C ALA B 139 -10.04 -0.06 1.30
N LEU B 140 -11.19 0.59 1.49
CA LEU B 140 -11.25 1.78 2.35
C LEU B 140 -11.07 1.43 3.83
N THR B 141 -11.57 0.29 4.25
CA THR B 141 -11.38 -0.12 5.64
C THR B 141 -9.99 -0.72 5.88
N ASN B 142 -9.17 -0.85 4.84
CA ASN B 142 -7.79 -1.30 4.97
C ASN B 142 -6.81 -0.24 4.52
N GLU B 143 -7.20 1.04 4.52
CA GLU B 143 -6.30 2.14 4.21
C GLU B 143 -5.74 2.02 2.80
N LEU B 144 -6.52 1.41 1.91
CA LEU B 144 -6.17 1.21 0.52
C LEU B 144 -4.97 0.30 0.34
N ASP B 145 -4.65 -0.48 1.38
CA ASP B 145 -3.58 -1.46 1.32
C ASP B 145 -4.17 -2.82 0.98
N TRP B 146 -3.39 -3.62 0.25
CA TRP B 146 -3.81 -4.95 -0.19
C TRP B 146 -2.74 -5.96 0.19
N PRO B 147 -2.51 -6.15 1.49
CA PRO B 147 -1.44 -7.06 1.90
C PRO B 147 -1.68 -8.48 1.50
N GLN B 148 -2.95 -8.87 1.30
CA GLN B 148 -3.29 -10.20 0.86
C GLN B 148 -2.82 -10.49 -0.55
N LEU B 149 -2.30 -9.47 -1.25
CA LEU B 149 -1.70 -9.63 -2.57
C LEU B 149 -0.26 -9.15 -2.61
N SER B 150 0.37 -8.90 -1.46
CA SER B 150 1.70 -8.32 -1.41
C SER B 150 2.77 -9.36 -1.75
N GLY B 151 3.99 -8.86 -1.97
CA GLY B 151 5.10 -9.74 -2.29
C GLY B 151 5.62 -10.48 -1.08
N ALA B 152 5.43 -9.94 0.11
CA ALA B 152 5.95 -10.57 1.31
C ALA B 152 4.95 -11.56 1.89
N THR B 153 3.69 -11.16 2.04
CA THR B 153 2.73 -11.97 2.79
C THR B 153 1.47 -12.28 1.99
N GLY B 154 1.44 -12.03 0.69
CA GLY B 154 0.24 -12.29 -0.07
C GLY B 154 -0.08 -13.77 -0.11
N PHE B 155 -1.36 -14.09 -0.09
CA PHE B 155 -1.80 -15.49 -0.13
C PHE B 155 -2.90 -15.75 -1.14
N LEU B 156 -3.51 -14.73 -1.72
CA LEU B 156 -4.51 -14.93 -2.74
C LEU B 156 -3.87 -15.07 -4.11
N ASP B 157 -4.66 -15.61 -5.04
CA ASP B 157 -4.20 -15.78 -6.41
C ASP B 157 -3.95 -14.42 -7.05
N SER B 158 -2.76 -14.26 -7.60
CA SER B 158 -2.38 -12.96 -8.17
C SER B 158 -3.35 -12.56 -9.27
N THR B 159 -3.85 -11.34 -9.17
CA THR B 159 -4.73 -10.78 -10.18
C THR B 159 -4.01 -10.45 -11.48
N VAL B 160 -2.71 -10.75 -11.56
CA VAL B 160 -1.91 -10.51 -12.76
C VAL B 160 -1.44 -11.84 -13.32
N GLY B 161 -0.72 -11.81 -14.43
CA GLY B 161 -0.33 -13.03 -15.10
C GLY B 161 1.13 -13.41 -14.94
N ILE B 162 1.56 -13.68 -13.71
CA ILE B 162 2.90 -14.17 -13.43
C ILE B 162 2.80 -15.25 -12.37
N LYS B 163 3.54 -16.34 -12.60
CA LYS B 163 3.49 -17.50 -11.72
C LYS B 163 4.11 -17.23 -10.36
N GLU B 164 4.95 -16.22 -10.23
CA GLU B 164 5.67 -15.97 -8.98
C GLU B 164 4.70 -15.76 -7.82
N LYS B 165 5.06 -16.30 -6.66
CA LYS B 165 4.26 -16.18 -5.45
C LYS B 165 5.01 -15.37 -4.40
N SER B 166 4.29 -15.03 -3.33
CA SER B 166 4.86 -14.22 -2.26
C SER B 166 5.91 -15.01 -1.49
N ILE B 167 6.67 -14.29 -0.67
CA ILE B 167 7.65 -14.94 0.19
C ILE B 167 6.95 -15.92 1.13
N TYR B 168 5.79 -15.53 1.67
CA TYR B 168 5.07 -16.41 2.58
C TYR B 168 4.70 -17.73 1.89
N LEU B 169 4.16 -17.66 0.66
CA LEU B 169 3.71 -18.89 0.00
C LEU B 169 4.87 -19.76 -0.40
N ARG B 170 5.98 -19.17 -0.83
CA ARG B 170 7.18 -19.97 -1.10
C ARG B 170 7.67 -20.65 0.17
N LEU B 171 7.54 -19.97 1.31
CA LEU B 171 7.86 -20.58 2.60
C LEU B 171 6.93 -21.73 2.92
N TRP B 172 5.63 -21.55 2.68
CA TRP B 172 4.70 -22.66 2.87
C TRP B 172 5.04 -23.82 1.95
N LYS B 173 5.36 -23.51 0.69
CA LYS B 173 5.69 -24.57 -0.27
C LYS B 173 6.90 -25.36 0.19
N ARG B 174 7.95 -24.67 0.67
CA ARG B 174 9.13 -25.37 1.16
C ARG B 174 8.82 -26.20 2.39
N ASN B 175 7.95 -25.72 3.26
CA ASN B 175 7.58 -26.47 4.46
C ASN B 175 6.13 -26.18 4.80
N HIS B 176 5.25 -27.15 4.53
CA HIS B 176 3.82 -26.94 4.70
C HIS B 176 3.43 -26.63 6.15
N CYS B 177 4.31 -26.91 7.11
CA CYS B 177 3.99 -26.62 8.51
C CYS B 177 3.90 -25.13 8.79
N ASN B 178 4.40 -24.28 7.88
CA ASN B 178 4.37 -22.84 8.05
C ASN B 178 3.02 -22.21 7.70
N HIS B 179 2.03 -23.03 7.36
CA HIS B 179 0.74 -22.51 6.96
C HIS B 179 0.20 -21.53 8.00
N ARG B 180 -0.14 -20.33 7.52
CA ARG B 180 -0.74 -19.23 8.24
C ARG B 180 0.25 -18.43 9.08
N ASP B 181 1.55 -18.73 9.03
CA ASP B 181 2.52 -18.00 9.85
C ASP B 181 3.11 -16.82 9.09
N TYR B 182 2.26 -15.82 8.88
CA TYR B 182 2.65 -14.55 8.27
C TYR B 182 2.11 -13.39 9.10
N GLN B 183 2.86 -12.29 9.10
CA GLN B 183 2.45 -11.03 9.72
C GLN B 183 2.99 -9.89 8.88
N ASN B 184 2.10 -9.04 8.40
CA ASN B 184 2.48 -7.82 7.68
C ASN B 184 2.24 -6.65 8.63
N ILE B 185 3.32 -6.18 9.27
CA ILE B 185 3.27 -5.05 10.18
C ILE B 185 3.72 -3.82 9.42
N SER B 186 2.87 -3.31 8.54
CA SER B 186 3.21 -2.19 7.69
C SER B 186 2.16 -1.12 7.82
N ARG B 187 2.60 0.14 7.69
CA ARG B 187 1.71 1.29 7.71
C ARG B 187 2.09 2.26 6.60
N ASN B 188 1.08 2.82 5.95
CA ASN B 188 1.35 3.93 5.04
C ASN B 188 2.04 5.02 5.83
N GLY B 189 3.09 5.59 5.28
CA GLY B 189 3.80 6.62 6.00
C GLY B 189 4.74 6.14 7.08
N ALA B 190 4.92 4.83 7.23
CA ALA B 190 5.89 4.33 8.18
C ALA B 190 7.30 4.69 7.72
N SER B 191 8.17 4.96 8.69
CA SER B 191 9.58 5.22 8.41
C SER B 191 10.39 4.73 9.61
N SER B 192 11.71 4.90 9.53
CA SER B 192 12.54 4.53 10.66
C SER B 192 12.22 5.40 11.87
N ARG B 193 11.71 6.62 11.63
CA ARG B 193 11.41 7.53 12.73
C ARG B 193 10.20 7.06 13.53
N ASN B 194 9.15 6.60 12.85
CA ASN B 194 7.87 6.34 13.52
C ASN B 194 7.57 4.86 13.68
N LEU B 195 8.48 3.96 13.31
CA LEU B 195 8.20 2.54 13.44
C LEU B 195 7.92 2.15 14.89
N LYS B 196 8.56 2.83 15.84
CA LYS B 196 8.35 2.49 17.25
C LYS B 196 6.92 2.74 17.71
N LYS B 197 6.14 3.49 16.95
CA LYS B 197 4.76 3.76 17.32
C LYS B 197 3.80 2.60 17.04
N PHE B 198 4.19 1.63 16.20
CA PHE B 198 3.32 0.49 15.97
C PHE B 198 4.05 -0.85 15.99
N ILE B 199 5.36 -0.88 16.23
CA ILE B 199 6.07 -2.15 16.28
C ILE B 199 5.53 -3.03 17.38
N GLU B 200 4.78 -2.46 18.33
CA GLU B 200 4.17 -3.28 19.37
C GLU B 200 3.14 -4.24 18.81
N SER B 201 2.57 -3.95 17.65
CA SER B 201 1.62 -4.89 17.08
C SER B 201 2.30 -6.16 16.56
N LEU B 202 3.62 -6.23 16.64
CA LEU B 202 4.33 -7.47 16.35
C LEU B 202 4.07 -8.48 17.45
N SER B 203 3.63 -9.68 17.07
CA SER B 203 3.32 -10.74 18.01
C SER B 203 4.36 -11.85 17.85
N ARG B 204 5.18 -12.05 18.88
CA ARG B 204 6.12 -13.18 18.88
C ARG B 204 6.67 -13.35 20.28
N ASN B 205 6.69 -14.58 20.77
CA ASN B 205 7.10 -14.90 22.13
C ASN B 205 8.38 -15.71 22.10
N LYS B 206 9.45 -15.16 22.70
CA LYS B 206 10.77 -15.78 22.76
C LYS B 206 10.75 -17.27 23.05
N VAL B 207 9.89 -17.71 23.96
CA VAL B 207 9.96 -19.06 24.50
C VAL B 207 8.92 -19.97 23.85
N LEU B 208 7.75 -19.45 23.53
CA LEU B 208 6.66 -20.29 23.08
C LEU B 208 6.57 -20.43 21.57
N ASP B 209 7.17 -19.51 20.81
CA ASP B 209 6.96 -19.44 19.37
C ASP B 209 8.18 -19.88 18.57
N TYR B 210 7.91 -20.28 17.33
CA TYR B 210 8.98 -20.60 16.41
C TYR B 210 9.74 -19.33 16.04
N PRO B 211 10.97 -19.48 15.56
CA PRO B 211 11.70 -18.31 15.07
C PRO B 211 10.99 -17.72 13.86
N ALA B 212 11.42 -16.52 13.48
CA ALA B 212 10.80 -15.82 12.37
C ALA B 212 11.85 -15.21 11.48
N ILE B 213 11.51 -15.07 10.20
CA ILE B 213 12.25 -14.21 9.28
C ILE B 213 11.61 -12.84 9.35
N VAL B 214 12.40 -11.81 9.64
CA VAL B 214 11.90 -10.45 9.75
C VAL B 214 12.56 -9.61 8.67
N ILE B 215 11.74 -8.98 7.84
CA ILE B 215 12.22 -8.11 6.78
C ILE B 215 11.94 -6.67 7.22
N TYR B 216 12.99 -5.87 7.29
CA TYR B 216 12.88 -4.45 7.60
C TYR B 216 12.98 -3.69 6.29
N ALA B 217 11.85 -3.16 5.83
CA ALA B 217 11.75 -2.54 4.50
C ALA B 217 11.10 -1.16 4.62
N MET B 218 11.85 -0.20 5.16
CA MET B 218 11.47 1.21 5.14
C MET B 218 12.18 1.80 3.93
N ILE B 219 11.51 1.79 2.79
CA ILE B 219 12.19 1.98 1.51
C ILE B 219 11.92 3.35 0.91
N GLY B 220 11.27 4.25 1.63
CA GLY B 220 10.98 5.54 1.04
C GLY B 220 10.82 6.71 1.98
N ASN B 221 9.97 6.55 3.00
CA ASN B 221 9.51 7.69 3.77
C ASN B 221 10.62 8.36 4.59
N ASP B 222 11.84 7.83 4.62
CA ASP B 222 12.92 8.54 5.28
C ASP B 222 13.53 9.62 4.40
N VAL B 223 13.39 9.53 3.08
CA VAL B 223 13.76 10.60 2.18
C VAL B 223 12.57 11.20 1.44
N CYS B 224 11.37 10.67 1.63
CA CYS B 224 10.20 11.12 0.91
C CYS B 224 9.36 12.03 1.80
N SER B 225 8.99 13.19 1.26
CA SER B 225 8.24 14.20 1.98
C SER B 225 7.47 15.05 0.97
N GLY B 226 6.49 15.80 1.47
CA GLY B 226 5.70 16.66 0.60
C GLY B 226 6.08 18.13 0.67
N LYS B 227 6.88 18.50 1.65
CA LYS B 227 7.21 19.91 1.86
C LYS B 227 7.92 20.49 0.63
N SER B 228 7.77 21.81 0.46
CA SER B 228 8.38 22.50 -0.68
C SER B 228 9.89 22.34 -0.69
N ASP B 229 10.51 22.41 0.48
CA ASP B 229 11.95 22.16 0.64
C ASP B 229 12.10 20.84 1.38
N PRO B 230 12.18 19.70 0.68
CA PRO B 230 12.18 18.41 1.36
C PRO B 230 13.53 17.94 1.86
N VAL B 231 14.64 18.60 1.47
CA VAL B 231 15.96 18.12 1.87
C VAL B 231 16.13 18.18 3.39
N PRO B 232 15.76 19.25 4.08
CA PRO B 232 15.92 19.27 5.55
C PRO B 232 15.08 18.22 6.28
N ALA B 233 13.98 17.76 5.70
CA ALA B 233 13.13 16.78 6.36
C ALA B 233 13.67 15.36 6.27
N MET B 234 14.58 15.08 5.34
CA MET B 234 15.09 13.73 5.17
C MET B 234 15.90 13.30 6.38
N THR B 235 15.75 12.03 6.75
CA THR B 235 16.52 11.47 7.85
C THR B 235 18.00 11.49 7.53
N THR B 236 18.84 11.74 8.55
CA THR B 236 20.27 11.70 8.35
C THR B 236 20.81 10.33 8.71
N PRO B 237 21.95 9.94 8.16
CA PRO B 237 22.53 8.64 8.53
C PRO B 237 22.73 8.48 10.02
N GLU B 238 23.00 9.58 10.74
CA GLU B 238 23.20 9.47 12.19
C GLU B 238 21.89 9.12 12.88
N LYS B 239 20.80 9.79 12.50
CA LYS B 239 19.51 9.51 13.12
C LYS B 239 18.99 8.14 12.71
N LEU B 240 19.20 7.75 11.45
CA LEU B 240 18.75 6.44 10.99
C LEU B 240 19.42 5.33 11.80
N TYR B 241 20.75 5.37 11.92
CA TYR B 241 21.47 4.40 12.74
C TYR B 241 20.84 4.30 14.13
N SER B 242 20.57 5.45 14.75
CA SER B 242 19.95 5.45 16.07
C SER B 242 18.58 4.77 16.06
N ASN B 243 17.75 5.12 15.07
CA ASN B 243 16.40 4.55 15.02
C ASN B 243 16.43 3.05 14.82
N VAL B 244 17.32 2.56 13.95
CA VAL B 244 17.34 1.15 13.60
C VAL B 244 17.90 0.33 14.76
N MET B 245 18.86 0.87 15.51
CA MET B 245 19.42 0.15 16.65
C MET B 245 18.37 -0.02 17.74
N GLN B 246 17.57 1.03 17.98
CA GLN B 246 16.44 0.90 18.88
C GLN B 246 15.50 -0.22 18.43
N THR B 247 15.18 -0.26 17.14
CA THR B 247 14.30 -1.29 16.62
C THR B 247 14.92 -2.67 16.78
N LEU B 248 16.22 -2.80 16.50
CA LEU B 248 16.85 -4.10 16.61
C LEU B 248 16.99 -4.54 18.07
N LYS B 249 17.29 -3.61 18.97
CA LYS B 249 17.31 -3.95 20.40
C LYS B 249 15.93 -4.42 20.86
N HIS B 250 14.88 -3.79 20.34
CA HIS B 250 13.53 -4.23 20.66
C HIS B 250 13.26 -5.63 20.13
N LEU B 251 13.57 -5.88 18.85
CA LEU B 251 13.33 -7.19 18.27
C LEU B 251 14.09 -8.28 19.01
N ASN B 252 15.28 -7.96 19.52
CA ASN B 252 16.07 -8.99 20.19
C ASN B 252 15.40 -9.47 21.47
N SER B 253 14.54 -8.65 22.05
CA SER B 253 13.83 -9.02 23.28
C SER B 253 12.51 -9.72 23.00
N HIS B 254 12.12 -9.88 21.74
CA HIS B 254 10.85 -10.53 21.41
C HIS B 254 10.99 -11.66 20.41
N LEU B 255 12.15 -11.82 19.73
CA LEU B 255 12.20 -12.91 18.76
C LEU B 255 12.80 -14.16 19.40
N PRO B 256 12.28 -15.34 19.11
CA PRO B 256 12.94 -16.56 19.59
C PRO B 256 14.35 -16.67 19.05
N ASN B 257 15.21 -17.36 19.77
CA ASN B 257 16.55 -17.62 19.28
C ASN B 257 16.47 -18.38 17.97
N GLY B 258 17.35 -18.02 17.04
CA GLY B 258 17.35 -18.62 15.72
C GLY B 258 16.62 -17.84 14.65
N SER B 259 16.24 -16.60 14.94
CA SER B 259 15.57 -15.76 13.97
C SER B 259 16.58 -15.10 13.04
N HIS B 260 16.06 -14.46 11.99
CA HIS B 260 16.88 -13.78 11.00
C HIS B 260 16.23 -12.46 10.65
N VAL B 261 17.02 -11.40 10.57
CA VAL B 261 16.52 -10.07 10.25
C VAL B 261 17.25 -9.58 9.01
N ILE B 262 16.48 -9.12 8.03
CA ILE B 262 17.02 -8.66 6.76
C ILE B 262 16.66 -7.20 6.58
N LEU B 263 17.68 -6.36 6.37
CA LEU B 263 17.50 -4.92 6.19
C LEU B 263 17.56 -4.64 4.70
N TYR B 264 16.50 -4.02 4.17
CA TYR B 264 16.47 -3.60 2.78
C TYR B 264 17.04 -2.20 2.63
N GLY B 265 17.86 -2.02 1.61
CA GLY B 265 18.30 -0.70 1.24
C GLY B 265 17.19 0.08 0.56
N LEU B 266 17.51 1.33 0.24
CA LEU B 266 16.54 2.21 -0.38
C LEU B 266 16.72 2.23 -1.89
N PRO B 267 15.68 2.59 -2.63
CA PRO B 267 15.77 2.59 -4.09
C PRO B 267 16.43 3.85 -4.63
N ASP B 268 16.93 3.73 -5.85
CA ASP B 268 17.31 4.89 -6.65
C ASP B 268 16.04 5.33 -7.37
N GLY B 269 15.28 6.20 -6.73
CA GLY B 269 13.94 6.51 -7.18
C GLY B 269 13.86 7.36 -8.43
N THR B 270 14.98 7.54 -9.13
CA THR B 270 14.95 8.28 -10.38
C THR B 270 14.29 7.51 -11.51
N PHE B 271 13.97 6.22 -11.32
CA PHE B 271 13.28 5.50 -12.38
C PHE B 271 11.86 6.04 -12.57
N LEU B 272 11.27 6.62 -11.52
CA LEU B 272 9.91 7.14 -11.64
C LEU B 272 9.84 8.22 -12.71
N TRP B 273 10.53 9.33 -12.48
CA TRP B 273 10.48 10.45 -13.43
C TRP B 273 10.95 9.99 -14.81
N ASP B 274 12.06 9.28 -14.88
CA ASP B 274 12.64 8.92 -16.17
C ASP B 274 11.64 8.16 -17.03
N ASN B 275 10.90 7.23 -16.44
CA ASN B 275 10.03 6.35 -17.22
C ASN B 275 8.60 6.86 -17.34
N LEU B 276 8.18 7.81 -16.52
CA LEU B 276 6.78 8.23 -16.45
C LEU B 276 6.50 9.66 -16.86
N HIS B 277 7.48 10.55 -16.84
CA HIS B 277 7.13 11.97 -16.95
C HIS B 277 6.41 12.30 -18.26
N ASN B 278 6.60 11.50 -19.31
CA ASN B 278 5.97 11.74 -20.59
C ASN B 278 4.71 10.89 -20.81
N ARG B 279 4.34 10.06 -19.86
CA ARG B 279 3.21 9.17 -20.05
C ARG B 279 1.95 9.79 -19.49
N TYR B 280 0.81 9.38 -20.04
CA TYR B 280 -0.47 9.90 -19.60
C TYR B 280 -0.95 9.16 -18.37
N HIS B 281 -1.42 9.92 -17.40
CA HIS B 281 -2.08 9.40 -16.22
C HIS B 281 -3.43 8.80 -16.62
N PRO B 282 -3.96 7.86 -15.84
CA PRO B 282 -5.33 7.36 -16.12
C PRO B 282 -6.39 8.46 -16.31
N LEU B 283 -6.35 9.54 -15.53
CA LEU B 283 -7.30 10.64 -15.75
C LEU B 283 -6.99 11.44 -17.01
N GLY B 284 -5.85 11.23 -17.65
CA GLY B 284 -5.48 12.00 -18.81
C GLY B 284 -5.50 11.18 -20.08
N GLN B 285 -5.83 9.90 -19.97
CA GLN B 285 -5.77 9.03 -21.13
C GLN B 285 -6.94 9.26 -22.09
N LEU B 286 -8.08 9.72 -21.59
CA LEU B 286 -9.24 9.94 -22.44
C LEU B 286 -8.97 11.04 -23.46
N ASN B 287 -8.45 12.18 -22.99
CA ASN B 287 -8.23 13.34 -23.86
C ASN B 287 -6.76 13.65 -24.05
N LYS B 288 -5.86 12.80 -23.57
CA LYS B 288 -4.42 13.02 -23.70
C LYS B 288 -4.04 14.44 -23.30
N ASP B 289 -4.45 14.84 -22.09
CA ASP B 289 -4.22 16.19 -21.60
C ASP B 289 -3.64 16.23 -20.19
N MET B 290 -3.16 15.11 -19.66
CA MET B 290 -2.50 15.12 -18.36
C MET B 290 -1.48 14.01 -18.28
N THR B 291 -0.21 14.38 -18.14
CA THR B 291 0.88 13.45 -17.94
C THR B 291 1.22 13.36 -16.45
N TYR B 292 2.06 12.37 -16.12
CA TYR B 292 2.57 12.28 -14.76
C TYR B 292 3.35 13.52 -14.37
N ALA B 293 4.02 14.16 -15.33
CA ALA B 293 4.71 15.41 -15.02
C ALA B 293 3.74 16.46 -14.50
N GLN B 294 2.59 16.60 -15.17
CA GLN B 294 1.59 17.58 -14.72
C GLN B 294 1.04 17.21 -13.34
N LEU B 295 0.82 15.92 -13.09
CA LEU B 295 0.35 15.49 -11.77
C LEU B 295 1.39 15.81 -10.70
N TYR B 296 2.66 15.44 -10.93
CA TYR B 296 3.71 15.73 -9.96
C TYR B 296 3.76 17.22 -9.64
N SER B 297 3.74 18.06 -10.68
CA SER B 297 3.76 19.50 -10.47
C SER B 297 2.56 19.93 -9.63
N PHE B 298 1.38 19.42 -9.95
CA PHE B 298 0.16 19.75 -9.21
C PHE B 298 0.31 19.38 -7.74
N LEU B 299 0.78 18.18 -7.44
CA LEU B 299 0.88 17.75 -6.05
C LEU B 299 1.95 18.51 -5.30
N ASN B 300 3.04 18.90 -5.96
CA ASN B 300 4.09 19.65 -5.28
C ASN B 300 3.63 21.07 -4.97
N CYS B 301 2.88 21.68 -5.89
CA CYS B 301 2.32 23.00 -5.64
C CYS B 301 1.41 22.99 -4.42
N LEU B 302 0.77 21.86 -4.14
CA LEU B 302 -0.10 21.69 -2.98
C LEU B 302 0.62 21.13 -1.76
N GLN B 303 1.85 20.64 -1.95
CA GLN B 303 2.65 20.08 -0.85
C GLN B 303 2.00 18.82 -0.27
N VAL B 304 1.49 17.96 -1.15
CA VAL B 304 0.87 16.72 -0.71
C VAL B 304 1.43 15.55 -1.51
N SER B 305 2.53 15.76 -2.19
CA SER B 305 3.16 14.66 -2.90
C SER B 305 3.70 13.64 -1.90
N PRO B 306 3.48 12.35 -2.13
CA PRO B 306 4.14 11.35 -1.29
C PRO B 306 5.66 11.46 -1.33
N CYS B 307 6.25 11.96 -2.42
CA CYS B 307 7.71 12.06 -2.50
C CYS B 307 8.06 13.23 -3.43
N HIS B 308 8.10 14.44 -2.86
CA HIS B 308 8.54 15.59 -3.63
C HIS B 308 9.92 15.35 -4.21
N GLY B 309 10.82 14.75 -3.42
CA GLY B 309 12.20 14.64 -3.85
C GLY B 309 12.34 13.94 -5.19
N TRP B 310 11.66 12.81 -5.36
CA TRP B 310 11.79 12.03 -6.58
C TRP B 310 10.72 12.34 -7.61
N MET B 311 9.55 12.80 -7.19
CA MET B 311 8.44 13.09 -8.10
C MET B 311 8.46 14.58 -8.39
N SER B 312 9.42 15.00 -9.22
CA SER B 312 9.69 16.41 -9.48
C SER B 312 10.47 16.54 -10.77
N SER B 313 10.27 17.67 -11.46
CA SER B 313 11.02 17.95 -12.68
C SER B 313 12.38 18.56 -12.40
N ASN B 314 12.64 18.91 -11.15
CA ASN B 314 13.86 19.56 -10.69
C ASN B 314 14.96 18.51 -10.55
N LYS B 315 15.71 18.30 -11.63
CA LYS B 315 16.71 17.23 -11.66
C LYS B 315 17.73 17.36 -10.53
N THR B 316 18.00 18.59 -10.07
CA THR B 316 18.89 18.74 -8.92
C THR B 316 18.29 18.09 -7.69
N LEU B 317 17.01 18.38 -7.41
CA LEU B 317 16.34 17.80 -6.25
C LEU B 317 16.28 16.28 -6.33
N ARG B 318 15.96 15.74 -7.51
CA ARG B 318 15.95 14.30 -7.65
C ARG B 318 17.30 13.69 -7.31
N THR B 319 18.39 14.39 -7.61
CA THR B 319 19.72 13.84 -7.34
C THR B 319 20.04 13.89 -5.85
N LEU B 320 19.74 15.01 -5.19
CA LEU B 320 19.92 15.10 -3.75
C LEU B 320 19.14 14.02 -3.01
N THR B 321 17.97 13.64 -3.51
CA THR B 321 17.19 12.58 -2.87
C THR B 321 17.86 11.23 -3.07
N SER B 322 18.26 10.92 -4.30
CA SER B 322 18.97 9.68 -4.56
C SER B 322 20.30 9.63 -3.82
N GLU B 323 20.93 10.79 -3.59
CA GLU B 323 22.20 10.79 -2.88
C GLU B 323 22.00 10.44 -1.41
N ARG B 324 20.98 11.01 -0.78
CA ARG B 324 20.70 10.69 0.62
C ARG B 324 20.24 9.24 0.76
N ALA B 325 19.45 8.74 -0.19
CA ALA B 325 19.00 7.35 -0.12
C ALA B 325 20.20 6.40 -0.16
N GLU B 326 21.21 6.74 -0.97
CA GLU B 326 22.41 5.91 -1.01
C GLU B 326 23.16 5.94 0.32
N GLN B 327 23.26 7.12 0.94
CA GLN B 327 23.91 7.21 2.26
C GLN B 327 23.16 6.40 3.30
N LEU B 328 21.83 6.51 3.33
CA LEU B 328 21.05 5.74 4.28
C LEU B 328 21.19 4.24 4.00
N SER B 329 21.18 3.86 2.73
CA SER B 329 21.38 2.44 2.40
C SER B 329 22.71 1.93 2.94
N ASN B 330 23.77 2.73 2.81
CA ASN B 330 25.07 2.29 3.29
C ASN B 330 25.11 2.16 4.81
N THR B 331 24.40 3.04 5.52
CA THR B 331 24.25 2.88 6.96
C THR B 331 23.66 1.52 7.31
N LEU B 332 22.58 1.13 6.63
CA LEU B 332 21.96 -0.17 6.90
C LEU B 332 22.93 -1.30 6.58
N LYS B 333 23.64 -1.18 5.45
CA LYS B 333 24.64 -2.19 5.11
C LYS B 333 25.70 -2.29 6.20
N LYS B 334 26.13 -1.15 6.74
CA LYS B 334 27.15 -1.13 7.78
C LYS B 334 26.63 -1.70 9.09
N ILE B 335 25.39 -1.41 9.45
CA ILE B 335 24.79 -2.02 10.64
C ILE B 335 24.77 -3.53 10.52
N ALA B 336 24.51 -4.05 9.32
CA ALA B 336 24.36 -5.50 9.16
C ALA B 336 25.68 -6.22 9.25
N ALA B 337 26.78 -5.58 8.84
CA ALA B 337 28.08 -6.22 8.86
C ALA B 337 28.71 -6.24 10.24
N SER B 338 28.43 -5.25 11.09
CA SER B 338 29.13 -5.05 12.34
C SER B 338 28.30 -5.41 13.58
N GLU B 339 27.05 -4.96 13.66
CA GLU B 339 26.27 -5.13 14.88
C GLU B 339 25.83 -6.58 15.06
N LYS B 340 25.92 -7.07 16.30
CA LYS B 340 25.58 -8.44 16.65
C LYS B 340 24.50 -8.47 17.72
N PHE B 341 23.68 -9.51 17.66
CA PHE B 341 22.56 -9.67 18.58
C PHE B 341 22.45 -11.15 18.94
N THR B 342 21.95 -11.42 20.14
CA THR B 342 21.98 -12.79 20.65
C THR B 342 20.93 -13.67 19.98
N ASN B 343 19.75 -13.14 19.69
CA ASN B 343 18.63 -13.97 19.26
C ASN B 343 18.44 -14.02 17.74
N PHE B 344 19.21 -13.25 16.98
CA PHE B 344 19.08 -13.33 15.53
C PHE B 344 20.36 -12.82 14.88
N ASN B 345 20.59 -13.27 13.66
CA ASN B 345 21.64 -12.70 12.83
C ASN B 345 21.04 -11.78 11.78
N LEU B 346 21.89 -10.93 11.23
CA LEU B 346 21.49 -9.74 10.48
C LEU B 346 22.06 -9.79 9.07
N PHE B 347 21.28 -9.30 8.09
CA PHE B 347 21.67 -9.32 6.70
C PHE B 347 21.23 -8.03 6.02
N TYR B 348 21.94 -7.65 4.96
CA TYR B 348 21.60 -6.45 4.21
C TYR B 348 21.36 -6.79 2.75
N MET B 349 20.38 -6.12 2.16
CA MET B 349 19.94 -6.43 0.81
C MET B 349 19.69 -5.15 0.05
N ASP B 350 20.32 -5.03 -1.12
CA ASP B 350 20.06 -3.89 -2.00
C ASP B 350 18.66 -3.98 -2.55
N PHE B 351 17.99 -2.82 -2.65
CA PHE B 351 16.68 -2.79 -3.31
C PHE B 351 16.79 -3.25 -4.76
N ALA B 352 17.86 -2.81 -5.45
CA ALA B 352 18.26 -3.39 -6.73
C ALA B 352 17.12 -3.41 -7.75
N PHE B 353 16.50 -2.25 -7.93
CA PHE B 353 15.37 -2.20 -8.85
C PHE B 353 15.83 -2.33 -10.30
N HIS B 354 17.07 -1.93 -10.59
CA HIS B 354 17.63 -2.15 -11.92
C HIS B 354 17.53 -3.62 -12.32
N GLU B 355 17.85 -4.53 -11.40
CA GLU B 355 17.76 -5.95 -11.73
C GLU B 355 16.31 -6.40 -11.88
N ILE B 356 15.40 -5.79 -11.13
CA ILE B 356 13.98 -6.08 -11.32
C ILE B 356 13.56 -5.69 -12.73
N ILE B 357 13.98 -4.49 -13.18
CA ILE B 357 13.63 -4.03 -14.51
C ILE B 357 14.16 -4.99 -15.57
N GLN B 358 15.38 -5.48 -15.39
CA GLN B 358 15.96 -6.41 -16.34
C GLN B 358 15.17 -7.70 -16.41
N GLU B 359 14.78 -8.24 -15.26
CA GLU B 359 13.99 -9.46 -15.28
C GLU B 359 12.65 -9.24 -15.97
N TRP B 360 12.01 -8.10 -15.70
CA TRP B 360 10.76 -7.78 -16.35
C TRP B 360 10.94 -7.69 -17.86
N GLN B 361 12.01 -7.01 -18.30
CA GLN B 361 12.26 -6.87 -19.73
C GLN B 361 12.55 -8.21 -20.38
N LYS B 362 13.09 -9.17 -19.62
CA LYS B 362 13.24 -10.50 -20.17
C LYS B 362 11.91 -11.20 -20.35
N ARG B 363 10.87 -10.78 -19.63
CA ARG B 363 9.53 -11.32 -19.82
C ARG B 363 8.73 -10.54 -20.87
N GLY B 364 9.34 -9.56 -21.50
CA GLY B 364 8.65 -8.76 -22.49
C GLY B 364 8.05 -7.48 -21.97
N GLY B 365 8.39 -7.07 -20.76
CA GLY B 365 7.75 -5.94 -20.13
C GLY B 365 8.52 -4.64 -20.28
N GLN B 366 7.79 -3.54 -20.10
CA GLN B 366 8.31 -2.19 -20.09
C GLN B 366 8.43 -1.71 -18.64
N PRO B 367 9.46 -0.91 -18.34
CA PRO B 367 9.64 -0.47 -16.95
C PRO B 367 8.45 0.30 -16.38
N TRP B 368 7.82 1.17 -17.18
CA TRP B 368 6.71 1.95 -16.67
C TRP B 368 5.57 1.06 -16.17
N GLN B 369 5.51 -0.20 -16.59
CA GLN B 369 4.46 -1.11 -16.17
C GLN B 369 4.69 -1.68 -14.78
N LEU B 370 5.75 -1.26 -14.09
CA LEU B 370 6.03 -1.70 -12.74
C LEU B 370 5.55 -0.72 -11.69
N ILE B 371 4.98 0.41 -12.09
CA ILE B 371 4.54 1.45 -11.17
C ILE B 371 3.02 1.44 -11.10
N GLU B 372 2.49 1.71 -9.90
CA GLU B 372 1.06 1.90 -9.70
C GLU B 372 0.56 3.06 -10.58
N PRO B 373 -0.38 2.82 -11.49
CA PRO B 373 -0.72 3.87 -12.45
C PRO B 373 -1.31 5.12 -11.82
N VAL B 374 -2.07 4.98 -10.73
CA VAL B 374 -2.82 6.12 -10.23
C VAL B 374 -1.92 7.08 -9.46
N ASP B 375 -0.99 6.56 -8.65
CA ASP B 375 -0.16 7.45 -7.87
C ASP B 375 1.19 7.73 -8.51
N GLY B 376 1.60 6.94 -9.50
CA GLY B 376 2.87 7.15 -10.16
C GLY B 376 4.05 7.13 -9.21
N PHE B 377 4.00 6.30 -8.18
CA PHE B 377 5.03 6.31 -7.14
C PHE B 377 5.35 4.92 -6.60
N HIS B 378 4.32 4.14 -6.26
CA HIS B 378 4.51 2.86 -5.58
C HIS B 378 4.81 1.75 -6.57
N PRO B 379 5.51 0.70 -6.14
CA PRO B 379 5.59 -0.50 -6.96
C PRO B 379 4.25 -1.23 -6.95
N ASN B 380 3.86 -1.73 -8.12
CA ASN B 380 2.60 -2.42 -8.27
C ASN B 380 2.77 -3.91 -7.95
N GLU B 381 1.72 -4.69 -8.16
CA GLU B 381 1.75 -6.10 -7.76
C GLU B 381 2.81 -6.87 -8.54
N VAL B 382 2.96 -6.61 -9.82
CA VAL B 382 4.01 -7.28 -10.60
C VAL B 382 5.38 -7.00 -9.96
N ALA B 383 5.66 -5.73 -9.69
CA ALA B 383 6.98 -5.39 -9.14
C ALA B 383 7.19 -6.05 -7.79
N LEU B 384 6.19 -6.04 -6.92
CA LEU B 384 6.34 -6.63 -5.60
C LEU B 384 6.63 -8.12 -5.70
N LEU B 385 6.01 -8.79 -6.67
CA LEU B 385 6.27 -10.22 -6.85
C LEU B 385 7.64 -10.47 -7.44
N LEU B 386 8.15 -9.56 -8.28
CA LEU B 386 9.51 -9.71 -8.79
C LEU B 386 10.53 -9.41 -7.70
N LEU B 387 10.25 -8.45 -6.82
CA LEU B 387 11.11 -8.24 -5.67
C LEU B 387 11.15 -9.46 -4.77
N ALA B 388 10.01 -10.13 -4.60
CA ALA B 388 9.98 -11.34 -3.80
C ALA B 388 10.77 -12.46 -4.45
N ASP B 389 10.71 -12.55 -5.78
CA ASP B 389 11.48 -13.57 -6.50
C ASP B 389 12.97 -13.31 -6.40
N HIS B 390 13.38 -12.05 -6.50
CA HIS B 390 14.79 -11.71 -6.31
C HIS B 390 15.24 -11.97 -4.87
N PHE B 391 14.38 -11.65 -3.90
CA PHE B 391 14.71 -11.97 -2.52
C PHE B 391 14.93 -13.46 -2.34
N TRP B 392 14.04 -14.27 -2.91
CA TRP B 392 14.11 -15.71 -2.70
C TRP B 392 15.38 -16.29 -3.31
N LYS B 393 15.67 -15.92 -4.56
CA LYS B 393 16.83 -16.47 -5.25
C LYS B 393 18.14 -15.99 -4.60
N LYS B 394 18.19 -14.73 -4.20
CA LYS B 394 19.41 -14.22 -3.58
C LYS B 394 19.65 -14.84 -2.20
N VAL B 395 18.60 -14.96 -1.39
CA VAL B 395 18.73 -15.59 -0.07
C VAL B 395 19.09 -17.06 -0.23
N GLN B 396 18.38 -17.77 -1.11
CA GLN B 396 18.66 -19.19 -1.28
C GLN B 396 20.09 -19.44 -1.74
N LEU B 397 20.68 -18.50 -2.45
CA LEU B 397 22.02 -18.69 -2.96
C LEU B 397 23.08 -18.32 -1.93
N GLN B 398 22.88 -17.21 -1.20
CA GLN B 398 23.92 -16.68 -0.32
C GLN B 398 23.74 -17.07 1.13
N TRP B 399 22.49 -17.20 1.59
CA TRP B 399 22.19 -17.45 3.01
C TRP B 399 21.10 -18.50 3.13
N PRO B 400 21.36 -19.72 2.64
CA PRO B 400 20.31 -20.74 2.65
C PRO B 400 19.76 -21.06 4.02
N GLN B 401 20.53 -20.83 5.09
CA GLN B 401 20.04 -21.12 6.43
C GLN B 401 18.77 -20.31 6.75
N ILE B 402 18.62 -19.13 6.14
CA ILE B 402 17.48 -18.28 6.46
C ILE B 402 16.18 -19.00 6.16
N LEU B 403 16.15 -19.77 5.07
CA LEU B 403 14.92 -20.35 4.56
C LEU B 403 14.68 -21.78 5.02
N GLY B 404 15.68 -22.43 5.60
CA GLY B 404 15.52 -23.76 6.10
C GLY B 404 15.48 -24.79 5.00
N LYS B 405 15.21 -26.03 5.40
CA LYS B 405 15.19 -27.16 4.49
C LYS B 405 13.76 -27.45 4.04
N GLU B 406 13.64 -28.07 2.87
CA GLU B 406 12.37 -28.58 2.41
C GLU B 406 11.94 -29.74 3.31
N ASN B 407 10.63 -29.81 3.57
CA ASN B 407 10.08 -30.78 4.49
C ASN B 407 9.76 -32.05 3.72
N PRO B 408 10.45 -33.17 3.99
CA PRO B 408 10.17 -34.40 3.22
C PRO B 408 8.72 -34.85 3.31
N PHE B 409 8.02 -34.50 4.39
CA PHE B 409 6.64 -34.92 4.60
C PHE B 409 5.63 -33.99 3.94
N ASN B 410 6.05 -32.99 3.17
CA ASN B 410 5.10 -32.16 2.44
C ASN B 410 4.04 -32.98 1.71
N PRO B 411 4.38 -34.00 0.93
CA PRO B 411 3.32 -34.78 0.26
C PRO B 411 2.38 -35.47 1.23
N GLN B 412 2.89 -36.01 2.33
CA GLN B 412 2.03 -36.66 3.29
C GLN B 412 1.19 -35.64 4.06
N ILE B 413 1.68 -34.42 4.25
CA ILE B 413 0.86 -33.38 4.85
C ILE B 413 -0.34 -33.08 3.97
N LYS B 414 -0.10 -32.93 2.66
CA LYS B 414 -1.20 -32.63 1.73
C LYS B 414 -2.19 -33.79 1.66
N GLN B 415 -1.69 -35.01 1.71
CA GLN B 415 -2.56 -36.17 1.59
C GLN B 415 -3.48 -36.32 2.81
N VAL B 416 -2.97 -36.01 4.00
CA VAL B 416 -3.80 -36.14 5.19
C VAL B 416 -4.64 -34.90 5.46
N PHE B 417 -4.11 -33.70 5.14
CA PHE B 417 -4.75 -32.45 5.55
C PHE B 417 -5.14 -31.53 4.40
N GLY B 418 -4.83 -31.89 3.17
CA GLY B 418 -5.33 -31.12 2.05
C GLY B 418 -4.84 -29.68 2.10
N ASP B 419 -5.79 -28.74 2.04
CA ASP B 419 -5.44 -27.33 2.04
C ASP B 419 -5.19 -26.77 3.42
N GLN B 420 -5.23 -27.61 4.46
CA GLN B 420 -4.83 -27.22 5.81
C GLN B 420 -5.71 -26.12 6.37
N GLY B 421 -6.97 -26.06 5.91
CA GLY B 421 -7.93 -25.09 6.38
C GLY B 421 -7.99 -23.81 5.57
N GLY B 422 -7.08 -23.60 4.64
CA GLY B 422 -7.07 -22.35 3.90
C GLY B 422 -6.69 -21.14 4.76
N HIS B 423 -6.97 -19.97 4.19
CA HIS B 423 -6.74 -18.71 4.89
C HIS B 423 -8.06 -18.00 5.18
#